data_4G55
#
_entry.id   4G55
#
_cell.length_a   70.899
_cell.length_b   74.019
_cell.length_c   82.118
_cell.angle_alpha   90.00
_cell.angle_beta   90.00
_cell.angle_gamma   90.00
#
_symmetry.space_group_name_H-M   'P 21 21 21'
#
loop_
_entity.id
_entity.type
_entity.pdbx_description
1 polymer 'Clathrin heavy chain 1'
2 non-polymer 'DIMETHYL SULFOXIDE'
3 non-polymer 'ACETATE ION'
4 non-polymer 1,2-ETHANEDIOL
5 non-polymer DI(HYDROXYETHYL)ETHER
6 non-polymer N-[5-[(4-BROMOPHENYL)METHYL]-4-HYDROXY-1,3-THIAZOL-2-YL]NAPHTHALENE-1-SULFONAMIDE
7 water water
#
_entity_poly.entity_id   1
_entity_poly.type   'polypeptide(L)'
_entity_poly.pdbx_seq_one_letter_code
;GSPEFMAQILPIRFQEHLQLQNLGINPANIGFSTLTMESDKFICIREKVGEQAQVVIIDMNDPSNPIRRPISADSAIMNP
ASKVIALKAGKTLQIFNIEMKSKMKAHTMTDDVTFWKWISLNTVALVTDNAVYHWSMEGESQPVKMFDRHSSLAGCQIIN
YRTDAKQKWLLLTGISAQQNRVVGAMQLYSVDRKVSQPIEGHAASFAQFKMEGNAEESTLFCFAVRGQAGGKLHIIEVGT
PPTGNQPFPKKAVDVFFPPEAQNDFPVAMQISEKHDVVFLITKYGYIHLYDLETGTCIYMNRISGETIFVTAPHEATAGI
IGVNRKGQVLSVCVEEENIIPYITNVLQNPDLALRMAVRNNLAGAEELF
;
_entity_poly.pdbx_strand_id   A
#
# COMPACT_ATOMS: atom_id res chain seq x y z
N PHE A 5 11.73 31.82 3.16
CA PHE A 5 13.18 31.42 3.38
C PHE A 5 13.34 29.90 3.09
N MET A 6 14.42 29.52 2.40
CA MET A 6 14.74 28.12 2.05
C MET A 6 13.57 27.59 1.25
N ALA A 7 12.93 28.49 0.52
CA ALA A 7 11.78 28.18 -0.33
C ALA A 7 12.12 27.13 -1.39
N GLN A 8 13.40 27.02 -1.79
CA GLN A 8 13.75 26.11 -2.87
C GLN A 8 14.07 24.66 -2.45
N ILE A 9 14.36 24.41 -1.18
CA ILE A 9 14.64 23.05 -0.85
C ILE A 9 13.45 22.34 -0.26
N LEU A 10 13.37 21.09 -0.65
CA LEU A 10 12.25 20.30 -0.23
C LEU A 10 12.78 19.10 0.57
N PRO A 11 11.95 18.54 1.47
CA PRO A 11 12.37 17.38 2.21
C PRO A 11 12.22 16.07 1.44
N ILE A 12 11.64 16.18 0.25
CA ILE A 12 11.36 15.01 -0.61
C ILE A 12 12.02 15.18 -1.95
N ARG A 13 12.31 14.06 -2.62
CA ARG A 13 12.64 14.00 -4.02
C ARG A 13 11.49 13.35 -4.78
N PHE A 14 10.96 14.02 -5.79
CA PHE A 14 9.91 13.52 -6.67
C PHE A 14 10.66 12.97 -7.89
N GLN A 15 10.25 11.80 -8.37
CA GLN A 15 10.75 11.26 -9.63
C GLN A 15 9.65 10.76 -10.55
N GLU A 16 9.82 10.97 -11.86
CA GLU A 16 8.99 10.28 -12.84
C GLU A 16 9.76 9.14 -13.37
N HIS A 17 9.26 7.93 -13.31
CA HIS A 17 10.00 6.75 -13.87
C HIS A 17 9.63 6.32 -15.27
N LEU A 18 8.36 6.43 -15.61
CA LEU A 18 7.81 5.96 -16.85
C LEU A 18 6.51 6.68 -17.12
N GLN A 19 6.17 6.72 -18.41
CA GLN A 19 4.86 7.07 -18.86
C GLN A 19 4.34 5.89 -19.64
N LEU A 20 3.42 5.17 -19.02
CA LEU A 20 2.91 3.91 -19.61
C LEU A 20 2.30 4.12 -20.99
N GLN A 21 1.67 5.28 -21.27
CA GLN A 21 1.12 5.47 -22.63
C GLN A 21 2.27 5.48 -23.65
N ASN A 22 3.49 5.78 -23.23
CA ASN A 22 4.61 5.72 -24.17
C ASN A 22 5.11 4.33 -24.40
N LEU A 23 4.56 3.32 -23.68
CA LEU A 23 5.00 1.96 -23.79
C LEU A 23 3.89 1.15 -24.37
N GLY A 24 2.96 1.80 -25.07
CA GLY A 24 1.89 1.09 -25.75
C GLY A 24 0.71 0.63 -24.96
N ILE A 25 0.51 1.22 -23.77
CA ILE A 25 -0.66 0.86 -22.94
C ILE A 25 -1.78 1.82 -23.30
N ASN A 26 -2.99 1.29 -23.46
CA ASN A 26 -4.19 2.04 -23.68
C ASN A 26 -4.59 2.70 -22.39
N PRO A 27 -4.85 4.02 -22.42
CA PRO A 27 -5.16 4.66 -21.19
C PRO A 27 -6.43 4.15 -20.56
N ALA A 28 -7.30 3.51 -21.36
CA ALA A 28 -8.48 2.92 -20.81
C ALA A 28 -8.23 1.81 -19.80
N ASN A 29 -7.06 1.20 -19.92
CA ASN A 29 -6.65 0.13 -19.02
C ASN A 29 -5.75 0.57 -17.89
N ILE A 30 -5.63 1.87 -17.68
CA ILE A 30 -4.73 2.35 -16.62
C ILE A 30 -5.66 2.69 -15.48
N GLY A 31 -5.99 1.67 -14.70
CA GLY A 31 -6.90 1.79 -13.60
C GLY A 31 -6.93 0.58 -12.71
N PHE A 32 -7.64 0.71 -11.60
CA PHE A 32 -7.58 -0.29 -10.50
C PHE A 32 -7.98 -1.69 -10.90
N SER A 33 -8.95 -1.82 -11.81
CA SER A 33 -9.44 -3.12 -12.23
C SER A 33 -8.54 -3.85 -13.23
N THR A 34 -7.66 -3.14 -13.89
CA THR A 34 -6.82 -3.71 -14.94
C THR A 34 -5.34 -3.60 -14.87
N LEU A 35 -4.83 -2.85 -13.90
CA LEU A 35 -3.43 -2.55 -13.78
C LEU A 35 -3.09 -2.76 -12.31
N THR A 36 -2.13 -3.65 -12.10
CA THR A 36 -1.62 -3.95 -10.77
C THR A 36 -0.11 -3.67 -10.61
N MET A 37 0.29 -3.33 -9.39
CA MET A 37 1.69 -3.01 -9.10
C MET A 37 1.91 -3.45 -7.67
N GLU A 38 2.29 -4.72 -7.50
CA GLU A 38 2.27 -5.39 -6.23
C GLU A 38 3.55 -5.15 -5.45
N SER A 39 4.52 -4.61 -6.17
CA SER A 39 5.83 -4.11 -5.65
C SER A 39 6.45 -3.17 -6.70
N ASP A 40 7.62 -2.60 -6.46
CA ASP A 40 8.22 -1.70 -7.39
C ASP A 40 8.94 -2.40 -8.48
N LYS A 41 8.85 -3.74 -8.53
CA LYS A 41 9.61 -4.52 -9.55
C LYS A 41 8.87 -4.69 -10.88
N PHE A 42 7.58 -4.67 -10.84
CA PHE A 42 6.78 -4.99 -12.00
C PHE A 42 5.48 -4.21 -12.01
N ILE A 43 5.01 -3.91 -13.22
CA ILE A 43 3.61 -3.50 -13.48
C ILE A 43 2.96 -4.50 -14.42
N CYS A 44 1.71 -4.89 -14.09
CA CYS A 44 1.04 -5.86 -14.90
C CYS A 44 -0.33 -5.26 -15.37
N ILE A 45 -0.59 -5.25 -16.69
CA ILE A 45 -1.76 -4.65 -17.26
C ILE A 45 -2.54 -5.70 -18.10
N ARG A 46 -3.80 -5.76 -17.85
CA ARG A 46 -4.74 -6.59 -18.69
C ARG A 46 -5.39 -5.73 -19.76
N GLU A 47 -5.25 -6.11 -21.04
CA GLU A 47 -5.77 -5.29 -22.13
C GLU A 47 -6.60 -6.17 -23.07
N LYS A 48 -7.70 -5.67 -23.57
CA LYS A 48 -8.46 -6.46 -24.59
C LYS A 48 -8.19 -5.72 -25.88
N VAL A 49 -7.46 -6.34 -26.80
CA VAL A 49 -7.13 -5.70 -28.11
C VAL A 49 -7.83 -6.46 -29.22
N GLY A 50 -8.74 -5.79 -29.93
CA GLY A 50 -9.75 -6.54 -30.67
C GLY A 50 -10.58 -7.51 -29.82
N GLU A 51 -10.57 -8.79 -30.15
CA GLU A 51 -11.33 -9.75 -29.36
C GLU A 51 -10.41 -10.50 -28.44
N GLN A 52 -9.13 -10.12 -28.43
CA GLN A 52 -8.09 -10.87 -27.75
C GLN A 52 -7.74 -10.31 -26.39
N ALA A 53 -7.94 -11.11 -25.33
CA ALA A 53 -7.42 -10.75 -23.99
C ALA A 53 -5.91 -10.86 -23.95
N GLN A 54 -5.23 -9.80 -23.51
CA GLN A 54 -3.81 -9.86 -23.40
C GLN A 54 -3.37 -9.36 -22.06
N VAL A 55 -2.24 -9.87 -21.62
CA VAL A 55 -1.61 -9.44 -20.35
C VAL A 55 -0.21 -8.93 -20.68
N VAL A 56 0.13 -7.76 -20.17
CA VAL A 56 1.38 -7.10 -20.42
C VAL A 56 2.09 -7.05 -19.05
N ILE A 57 3.33 -7.48 -19.04
CA ILE A 57 4.27 -7.36 -17.87
C ILE A 57 5.41 -6.39 -18.19
N ILE A 58 5.42 -5.30 -17.40
CA ILE A 58 6.49 -4.35 -17.45
C ILE A 58 7.46 -4.64 -16.31
N ASP A 59 8.70 -5.00 -16.69
CA ASP A 59 9.80 -5.16 -15.78
C ASP A 59 10.40 -3.82 -15.58
N MET A 60 10.35 -3.30 -14.36
CA MET A 60 10.79 -1.92 -14.09
C MET A 60 12.29 -1.73 -14.29
N ASN A 61 13.06 -2.81 -14.25
CA ASN A 61 14.44 -2.81 -14.70
C ASN A 61 14.70 -2.88 -16.19
N ASP A 62 13.68 -3.10 -17.00
CA ASP A 62 13.83 -3.19 -18.42
C ASP A 62 12.52 -2.75 -19.07
N PRO A 63 12.08 -1.52 -18.75
CA PRO A 63 10.69 -1.19 -19.07
C PRO A 63 10.40 -0.95 -20.52
N SER A 64 11.43 -0.65 -21.30
CA SER A 64 11.13 -0.32 -22.67
C SER A 64 10.85 -1.59 -23.49
N ASN A 65 11.05 -2.76 -22.86
CA ASN A 65 10.74 -4.06 -23.42
C ASN A 65 9.59 -4.82 -22.67
N PRO A 66 8.36 -4.28 -22.72
CA PRO A 66 7.27 -5.00 -22.02
C PRO A 66 6.99 -6.33 -22.66
N ILE A 67 6.58 -7.31 -21.89
CA ILE A 67 6.21 -8.60 -22.50
C ILE A 67 4.71 -8.72 -22.56
N ARG A 68 4.20 -8.99 -23.77
CA ARG A 68 2.77 -8.98 -23.99
C ARG A 68 2.34 -10.34 -24.55
N ARG A 69 1.32 -10.95 -23.92
CA ARG A 69 0.86 -12.28 -24.36
C ARG A 69 -0.61 -12.45 -24.30
N PRO A 70 -1.15 -13.37 -25.12
CA PRO A 70 -2.55 -13.64 -25.06
C PRO A 70 -2.82 -14.55 -23.93
N ILE A 71 -3.43 -14.02 -22.90
CA ILE A 71 -3.68 -14.73 -21.69
C ILE A 71 -5.01 -14.27 -21.18
N SER A 72 -5.91 -15.22 -20.90
CA SER A 72 -7.22 -14.83 -20.47
C SER A 72 -7.29 -14.91 -18.93
N ALA A 73 -7.51 -13.79 -18.26
CA ALA A 73 -7.65 -13.79 -16.82
C ALA A 73 -8.54 -12.61 -16.41
N ASP A 74 -9.32 -12.75 -15.36
CA ASP A 74 -10.09 -11.72 -14.80
C ASP A 74 -9.22 -10.75 -14.02
N SER A 75 -8.05 -11.26 -13.60
CA SER A 75 -7.17 -10.48 -12.72
C SER A 75 -5.82 -11.10 -12.75
N ALA A 76 -4.75 -10.30 -12.63
CA ALA A 76 -3.38 -10.80 -12.79
C ALA A 76 -2.49 -9.99 -11.84
N ILE A 77 -1.74 -10.66 -10.97
CA ILE A 77 -0.86 -10.02 -9.98
C ILE A 77 0.49 -10.70 -9.99
N MET A 78 1.50 -9.93 -10.34
CA MET A 78 2.90 -10.35 -10.21
C MET A 78 3.36 -10.48 -8.76
N ASN A 79 4.11 -11.52 -8.50
CA ASN A 79 4.88 -11.67 -7.28
C ASN A 79 5.73 -10.40 -6.97
N PRO A 80 5.90 -10.07 -5.67
CA PRO A 80 6.69 -8.87 -5.37
C PRO A 80 8.11 -8.93 -5.82
N ALA A 81 8.66 -10.13 -5.93
CA ALA A 81 10.11 -10.24 -6.25
C ALA A 81 10.53 -11.16 -7.36
N SER A 82 9.87 -12.31 -7.44
CA SER A 82 10.11 -13.35 -8.41
C SER A 82 9.28 -13.22 -9.69
N LYS A 83 9.79 -13.88 -10.73
CA LYS A 83 9.07 -13.96 -11.99
C LYS A 83 8.01 -15.04 -11.90
N VAL A 84 7.03 -14.78 -11.06
CA VAL A 84 5.92 -15.63 -10.75
C VAL A 84 4.67 -14.71 -10.84
N ILE A 85 3.60 -15.25 -11.38
CA ILE A 85 2.33 -14.45 -11.55
C ILE A 85 1.15 -15.27 -11.05
N ALA A 86 0.20 -14.64 -10.35
CA ALA A 86 -1.08 -15.27 -9.97
C ALA A 86 -2.16 -14.73 -10.93
N LEU A 87 -2.95 -15.70 -11.49
CA LEU A 87 -3.97 -15.46 -12.48
C LEU A 87 -5.29 -16.01 -11.97
N LYS A 88 -6.40 -15.31 -12.21
CA LYS A 88 -7.69 -15.80 -11.76
C LYS A 88 -8.62 -15.80 -12.95
N ALA A 89 -9.44 -16.82 -13.03
CA ALA A 89 -10.54 -16.89 -13.99
C ALA A 89 -11.74 -17.56 -13.30
N GLY A 90 -12.83 -16.85 -13.09
CA GLY A 90 -13.94 -17.39 -12.29
C GLY A 90 -13.45 -17.67 -10.89
N LYS A 91 -13.72 -18.86 -10.41
CA LYS A 91 -13.36 -19.19 -9.04
C LYS A 91 -12.04 -19.94 -9.05
N THR A 92 -11.46 -20.09 -10.24
CA THR A 92 -10.20 -20.81 -10.37
C THR A 92 -8.97 -19.88 -10.38
N LEU A 93 -8.06 -20.19 -9.49
CA LEU A 93 -6.85 -19.43 -9.26
C LEU A 93 -5.64 -20.28 -9.72
N GLN A 94 -4.67 -19.67 -10.40
CA GLN A 94 -3.44 -20.34 -10.72
C GLN A 94 -2.23 -19.51 -10.35
N ILE A 95 -1.15 -20.14 -9.97
CA ILE A 95 0.11 -19.46 -9.77
C ILE A 95 1.06 -20.06 -10.78
N PHE A 96 1.75 -19.24 -11.55
CA PHE A 96 2.57 -19.69 -12.65
C PHE A 96 3.98 -19.15 -12.52
N ASN A 97 4.94 -20.02 -12.80
CA ASN A 97 6.37 -19.70 -12.81
C ASN A 97 6.76 -19.28 -14.20
N ILE A 98 7.02 -17.98 -14.41
CA ILE A 98 7.19 -17.45 -15.73
C ILE A 98 8.52 -17.86 -16.26
N GLU A 99 9.51 -17.78 -15.42
CA GLU A 99 10.85 -18.09 -15.83
C GLU A 99 11.01 -19.54 -16.29
N MET A 100 10.32 -20.45 -15.62
CA MET A 100 10.35 -21.87 -15.99
C MET A 100 9.13 -22.31 -16.82
N LYS A 101 8.32 -21.32 -17.26
N LYS A 101 8.31 -21.30 -17.18
CA LYS A 101 7.14 -21.56 -18.10
CA LYS A 101 7.07 -21.48 -17.95
C LYS A 101 6.30 -22.77 -17.57
C LYS A 101 6.30 -22.74 -17.54
N SER A 102 6.02 -22.76 -16.27
CA SER A 102 5.41 -23.90 -15.63
C SER A 102 4.41 -23.52 -14.61
N LYS A 103 3.32 -24.25 -14.57
N LYS A 103 3.31 -24.24 -14.59
CA LYS A 103 2.28 -24.13 -13.53
CA LYS A 103 2.33 -24.07 -13.54
C LYS A 103 2.80 -24.56 -12.17
C LYS A 103 2.97 -24.43 -12.21
N MET A 104 2.60 -23.69 -11.17
CA MET A 104 3.03 -23.96 -9.80
C MET A 104 1.96 -24.63 -8.99
N LYS A 105 0.85 -23.95 -8.83
CA LYS A 105 -0.30 -24.50 -8.18
C LYS A 105 -1.58 -23.87 -8.68
N ALA A 106 -2.69 -24.54 -8.43
CA ALA A 106 -4.03 -24.07 -8.76
C ALA A 106 -4.96 -24.45 -7.64
N HIS A 107 -6.06 -23.71 -7.53
CA HIS A 107 -7.08 -23.96 -6.50
C HIS A 107 -8.37 -23.41 -7.03
N THR A 108 -9.48 -24.10 -6.71
CA THR A 108 -10.80 -23.61 -7.08
C THR A 108 -11.52 -23.31 -5.77
N MET A 109 -11.86 -22.05 -5.61
CA MET A 109 -12.61 -21.55 -4.43
C MET A 109 -14.09 -21.89 -4.62
N THR A 110 -14.78 -21.90 -3.48
CA THR A 110 -16.24 -22.03 -3.41
C THR A 110 -16.88 -20.70 -3.62
N ASP A 111 -16.31 -19.64 -3.04
CA ASP A 111 -16.79 -18.28 -3.25
C ASP A 111 -15.90 -17.46 -4.15
N ASP A 112 -16.50 -16.46 -4.78
CA ASP A 112 -15.71 -15.60 -5.69
C ASP A 112 -14.69 -14.80 -4.88
N VAL A 113 -13.52 -14.63 -5.47
CA VAL A 113 -12.47 -13.83 -4.76
C VAL A 113 -12.61 -12.43 -5.34
N THR A 114 -13.01 -11.47 -4.55
CA THR A 114 -13.28 -10.14 -5.02
C THR A 114 -12.09 -9.22 -5.01
N PHE A 115 -11.04 -9.58 -4.27
CA PHE A 115 -9.84 -8.78 -4.14
C PHE A 115 -8.72 -9.77 -3.70
N TRP A 116 -7.57 -9.63 -4.32
CA TRP A 116 -6.42 -10.41 -3.92
C TRP A 116 -5.13 -9.58 -4.03
N LYS A 117 -4.12 -9.97 -3.25
CA LYS A 117 -2.86 -9.22 -3.21
C LYS A 117 -1.73 -10.08 -2.64
N TRP A 118 -0.51 -9.99 -3.20
CA TRP A 118 0.65 -10.58 -2.56
C TRP A 118 0.98 -9.80 -1.30
N ILE A 119 1.09 -10.52 -0.21
CA ILE A 119 1.42 -9.94 1.10
C ILE A 119 2.83 -10.19 1.51
N SER A 120 3.59 -10.96 0.76
CA SER A 120 4.95 -11.29 1.08
C SER A 120 5.56 -11.82 -0.15
N LEU A 121 6.82 -12.19 -0.05
CA LEU A 121 7.44 -12.81 -1.17
C LEU A 121 6.89 -14.16 -1.63
N ASN A 122 6.12 -14.84 -0.78
CA ASN A 122 5.65 -16.12 -1.13
C ASN A 122 4.18 -16.41 -0.85
N THR A 123 3.40 -15.41 -0.38
CA THR A 123 2.04 -15.61 0.01
C THR A 123 1.07 -14.59 -0.62
N VAL A 124 -0.04 -15.08 -1.14
N VAL A 124 -0.01 -15.10 -1.17
CA VAL A 124 -1.08 -14.25 -1.72
CA VAL A 124 -1.13 -14.35 -1.73
C VAL A 124 -2.39 -14.34 -0.90
C VAL A 124 -2.25 -14.32 -0.69
N ALA A 125 -2.90 -13.17 -0.51
CA ALA A 125 -4.10 -13.04 0.28
C ALA A 125 -5.28 -13.05 -0.65
N LEU A 126 -6.35 -13.75 -0.25
CA LEU A 126 -7.54 -13.88 -1.08
C LEU A 126 -8.69 -13.34 -0.21
N VAL A 127 -9.45 -12.39 -0.74
CA VAL A 127 -10.65 -11.82 -0.06
C VAL A 127 -11.86 -12.29 -0.83
N THR A 128 -12.83 -12.87 -0.08
CA THR A 128 -14.12 -13.17 -0.66
C THR A 128 -15.12 -12.27 0.06
N ASP A 129 -16.39 -12.41 -0.34
N ASP A 129 -16.40 -12.38 -0.30
CA ASP A 129 -17.44 -11.65 0.30
CA ASP A 129 -17.41 -11.61 0.40
C ASP A 129 -17.52 -11.86 1.79
C ASP A 129 -17.44 -11.82 1.87
N ASN A 130 -17.05 -13.00 2.31
CA ASN A 130 -17.18 -13.25 3.72
C ASN A 130 -15.97 -13.69 4.51
N ALA A 131 -14.81 -13.84 3.83
CA ALA A 131 -13.63 -14.26 4.57
C ALA A 131 -12.36 -13.85 3.89
N VAL A 132 -11.25 -13.93 4.61
CA VAL A 132 -9.91 -13.69 4.08
C VAL A 132 -9.05 -14.96 4.26
N TYR A 133 -8.28 -15.30 3.22
CA TYR A 133 -7.45 -16.48 3.17
C TYR A 133 -6.04 -16.09 2.85
N HIS A 134 -5.08 -16.82 3.40
CA HIS A 134 -3.68 -16.74 2.90
C HIS A 134 -3.31 -18.00 2.18
N TRP A 135 -2.64 -17.87 1.04
CA TRP A 135 -2.19 -18.96 0.22
C TRP A 135 -0.76 -18.88 -0.13
N SER A 136 0.00 -19.87 0.32
CA SER A 136 1.37 -19.95 0.03
C SER A 136 1.58 -20.37 -1.41
N MET A 137 2.52 -19.77 -2.13
CA MET A 137 2.87 -20.22 -3.46
C MET A 137 3.72 -21.52 -3.49
N GLU A 138 4.24 -21.92 -2.32
CA GLU A 138 5.15 -23.04 -2.22
C GLU A 138 4.37 -24.31 -1.87
N GLY A 139 4.98 -25.43 -2.24
CA GLY A 139 4.44 -26.74 -1.80
C GLY A 139 3.03 -27.01 -2.24
N GLU A 140 2.33 -27.83 -1.48
CA GLU A 140 1.03 -28.33 -1.92
C GLU A 140 -0.11 -27.60 -1.24
N SER A 141 0.19 -26.73 -0.30
CA SER A 141 -0.86 -26.25 0.55
C SER A 141 -1.96 -25.49 -0.21
N GLN A 142 -3.15 -25.66 0.29
CA GLN A 142 -4.30 -24.89 -0.16
C GLN A 142 -4.40 -23.56 0.61
N PRO A 143 -5.28 -22.65 0.17
CA PRO A 143 -5.56 -21.42 0.94
C PRO A 143 -6.04 -21.77 2.31
N VAL A 144 -5.58 -20.99 3.30
CA VAL A 144 -5.98 -21.20 4.69
C VAL A 144 -6.80 -19.99 5.10
N LYS A 145 -8.00 -20.21 5.67
CA LYS A 145 -8.78 -19.08 6.14
C LYS A 145 -8.14 -18.47 7.38
N MET A 146 -7.95 -17.15 7.36
CA MET A 146 -7.39 -16.38 8.46
C MET A 146 -8.44 -15.81 9.39
N PHE A 147 -9.52 -15.28 8.81
CA PHE A 147 -10.62 -14.74 9.57
C PHE A 147 -11.84 -14.60 8.72
N ASP A 148 -12.99 -14.53 9.39
CA ASP A 148 -14.22 -14.12 8.78
C ASP A 148 -14.42 -12.55 8.80
N ARG A 149 -14.97 -12.05 7.70
CA ARG A 149 -15.17 -10.63 7.49
C ARG A 149 -16.20 -10.11 8.47
N HIS A 150 -15.96 -8.92 8.95
CA HIS A 150 -16.85 -8.22 9.88
C HIS A 150 -17.95 -7.57 9.12
N SER A 151 -19.15 -7.57 9.72
CA SER A 151 -20.34 -7.05 9.05
C SER A 151 -20.22 -5.61 8.64
N SER A 152 -19.36 -4.89 9.29
CA SER A 152 -19.15 -3.45 8.96
C SER A 152 -18.60 -3.21 7.60
N LEU A 153 -17.97 -4.21 6.99
CA LEU A 153 -17.45 -4.06 5.63
C LEU A 153 -18.39 -4.60 4.57
N ALA A 154 -19.60 -5.02 4.99
CA ALA A 154 -20.51 -5.61 4.05
C ALA A 154 -20.86 -4.66 2.96
N GLY A 155 -20.70 -5.10 1.74
CA GLY A 155 -21.08 -4.30 0.61
C GLY A 155 -20.05 -3.25 0.20
N CYS A 156 -18.90 -3.23 0.90
N CYS A 156 -18.93 -3.17 0.90
CA CYS A 156 -17.81 -2.33 0.51
CA CYS A 156 -17.93 -2.20 0.49
C CYS A 156 -17.14 -2.76 -0.76
C CYS A 156 -17.14 -2.72 -0.70
N GLN A 157 -16.52 -1.79 -1.41
CA GLN A 157 -15.49 -2.10 -2.39
C GLN A 157 -14.19 -2.28 -1.61
N ILE A 158 -13.63 -3.50 -1.66
CA ILE A 158 -12.36 -3.72 -0.96
C ILE A 158 -11.22 -3.02 -1.76
N ILE A 159 -10.41 -2.29 -1.04
CA ILE A 159 -9.31 -1.51 -1.64
C ILE A 159 -7.91 -1.89 -1.22
N ASN A 160 -7.76 -2.59 -0.10
CA ASN A 160 -6.43 -3.03 0.26
C ASN A 160 -6.54 -4.12 1.34
N TYR A 161 -5.50 -4.90 1.39
CA TYR A 161 -5.30 -5.83 2.54
C TYR A 161 -3.82 -5.88 2.81
N ARG A 162 -3.45 -5.80 4.07
CA ARG A 162 -2.09 -5.87 4.42
C ARG A 162 -1.92 -6.39 5.86
N THR A 163 -0.67 -6.74 6.08
CA THR A 163 -0.24 -7.34 7.40
C THR A 163 0.98 -6.65 7.97
N ASP A 164 1.22 -6.89 9.27
CA ASP A 164 2.55 -6.56 9.79
C ASP A 164 3.57 -7.60 9.31
N ALA A 165 4.86 -7.35 9.58
CA ALA A 165 5.91 -8.21 9.01
C ALA A 165 5.75 -9.65 9.52
N LYS A 166 5.34 -9.79 10.79
CA LYS A 166 5.22 -11.14 11.40
C LYS A 166 3.92 -11.84 11.08
N GLN A 167 3.02 -11.18 10.35
CA GLN A 167 1.74 -11.73 9.95
C GLN A 167 0.89 -12.13 11.19
N LYS A 168 1.05 -11.38 12.27
CA LYS A 168 0.15 -11.54 13.42
C LYS A 168 -1.00 -10.50 13.48
N TRP A 169 -0.89 -9.43 12.71
CA TRP A 169 -1.90 -8.37 12.62
C TRP A 169 -2.27 -8.21 11.14
N LEU A 170 -3.56 -8.36 10.87
CA LEU A 170 -4.17 -8.40 9.52
C LEU A 170 -5.18 -7.29 9.37
N LEU A 171 -5.07 -6.59 8.25
CA LEU A 171 -5.93 -5.43 8.03
C LEU A 171 -6.59 -5.44 6.65
N LEU A 172 -7.90 -5.43 6.71
CA LEU A 172 -8.74 -5.39 5.48
C LEU A 172 -9.38 -4.03 5.40
N THR A 173 -9.32 -3.40 4.23
CA THR A 173 -9.84 -2.01 4.05
C THR A 173 -10.80 -1.97 2.89
N GLY A 174 -11.97 -1.37 3.15
CA GLY A 174 -12.98 -1.14 2.13
C GLY A 174 -13.53 0.29 2.18
N ILE A 175 -14.18 0.68 1.09
CA ILE A 175 -14.88 1.94 1.05
C ILE A 175 -16.27 1.71 0.59
N SER A 176 -17.18 2.61 1.01
CA SER A 176 -18.55 2.60 0.45
C SER A 176 -19.06 4.04 0.24
N ALA A 177 -20.02 4.22 -0.67
CA ALA A 177 -20.66 5.50 -0.87
C ALA A 177 -21.85 5.67 0.11
N GLN A 178 -21.74 6.59 1.05
CA GLN A 178 -22.84 6.91 1.96
C GLN A 178 -23.28 8.33 1.53
N GLN A 179 -24.31 8.30 0.67
CA GLN A 179 -24.92 9.44 -0.03
C GLN A 179 -23.81 9.88 -0.99
N ASN A 180 -23.19 11.01 -0.72
CA ASN A 180 -22.18 11.54 -1.64
C ASN A 180 -20.83 11.58 -0.94
N ARG A 181 -20.71 10.79 0.14
CA ARG A 181 -19.44 10.71 0.89
C ARG A 181 -18.77 9.35 0.68
N VAL A 182 -17.42 9.31 0.67
CA VAL A 182 -16.74 8.00 0.57
C VAL A 182 -16.29 7.66 2.01
N VAL A 183 -16.89 6.63 2.58
CA VAL A 183 -16.68 6.21 3.94
C VAL A 183 -15.80 4.99 3.99
N GLY A 184 -14.75 5.06 4.79
CA GLY A 184 -13.74 3.97 4.83
C GLY A 184 -14.08 3.06 6.01
N ALA A 185 -13.95 1.76 5.80
CA ALA A 185 -14.25 0.77 6.86
C ALA A 185 -13.14 -0.27 6.87
N MET A 186 -12.49 -0.39 8.04
CA MET A 186 -11.37 -1.32 8.16
C MET A 186 -11.75 -2.40 9.16
N GLN A 187 -11.15 -3.54 8.97
CA GLN A 187 -11.14 -4.63 9.98
C GLN A 187 -9.74 -5.03 10.33
N LEU A 188 -9.41 -4.72 11.58
CA LEU A 188 -8.13 -5.17 12.18
C LEU A 188 -8.32 -6.48 12.91
N TYR A 189 -7.52 -7.46 12.55
CA TYR A 189 -7.62 -8.81 13.13
C TYR A 189 -6.36 -9.22 13.79
N SER A 190 -6.48 -9.69 15.05
CA SER A 190 -5.34 -10.24 15.82
C SER A 190 -5.28 -11.77 15.69
N VAL A 191 -4.24 -12.28 15.08
CA VAL A 191 -4.10 -13.71 14.84
C VAL A 191 -4.07 -14.46 16.15
N ASP A 192 -3.31 -13.91 17.07
CA ASP A 192 -3.11 -14.57 18.34
C ASP A 192 -4.34 -14.46 19.23
N ARG A 193 -5.01 -13.31 19.23
N ARG A 193 -5.06 -13.36 19.17
CA ARG A 193 -6.23 -13.15 20.04
CA ARG A 193 -6.23 -13.24 20.00
C ARG A 193 -7.51 -13.75 19.42
C ARG A 193 -7.55 -13.63 19.40
N LYS A 194 -7.55 -13.94 18.10
CA LYS A 194 -8.72 -14.32 17.40
C LYS A 194 -9.89 -13.27 17.60
N VAL A 195 -9.55 -11.98 17.51
CA VAL A 195 -10.45 -10.89 17.75
C VAL A 195 -10.24 -9.87 16.61
N SER A 196 -11.36 -9.42 16.09
CA SER A 196 -11.43 -8.33 15.11
C SER A 196 -11.95 -7.04 15.76
N GLN A 197 -11.53 -5.96 15.16
CA GLN A 197 -11.94 -4.64 15.61
C GLN A 197 -12.31 -3.81 14.42
N PRO A 198 -13.55 -3.35 14.37
CA PRO A 198 -13.90 -2.45 13.27
C PRO A 198 -13.35 -1.03 13.50
N ILE A 199 -12.86 -0.40 12.44
CA ILE A 199 -12.17 0.88 12.54
C ILE A 199 -12.62 1.73 11.34
N GLU A 200 -13.06 2.97 11.57
CA GLU A 200 -13.34 3.87 10.43
C GLU A 200 -11.96 4.38 9.94
N GLY A 201 -11.55 4.01 8.70
CA GLY A 201 -10.22 4.42 8.18
C GLY A 201 -10.29 4.33 6.66
N HIS A 202 -9.48 5.14 5.99
CA HIS A 202 -9.37 5.15 4.56
C HIS A 202 -8.07 4.56 4.01
N ALA A 203 -6.95 4.69 4.75
CA ALA A 203 -5.66 4.18 4.26
C ALA A 203 -4.84 3.84 5.50
N ALA A 204 -3.97 2.83 5.39
CA ALA A 204 -3.15 2.42 6.56
C ALA A 204 -1.95 1.70 6.12
N SER A 205 -1.07 1.47 7.11
CA SER A 205 0.09 0.63 6.92
C SER A 205 0.58 0.21 8.32
N PHE A 206 1.34 -0.86 8.37
CA PHE A 206 2.07 -1.26 9.60
C PHE A 206 3.47 -0.79 9.45
N ALA A 207 4.22 -0.74 10.57
CA ALA A 207 5.59 -0.36 10.53
C ALA A 207 6.26 -0.99 11.77
N GLN A 208 7.56 -1.21 11.70
CA GLN A 208 8.38 -1.62 12.85
C GLN A 208 9.22 -0.40 13.24
N PHE A 209 9.17 0.01 14.50
CA PHE A 209 9.85 1.18 14.95
C PHE A 209 10.56 0.90 16.29
N LYS A 210 11.84 1.24 16.35
CA LYS A 210 12.63 0.97 17.57
C LYS A 210 12.66 2.24 18.38
N MET A 211 11.91 2.28 19.45
CA MET A 211 11.91 3.43 20.30
C MET A 211 13.23 3.62 21.00
N GLU A 212 13.57 4.89 21.20
CA GLU A 212 14.66 5.28 22.05
C GLU A 212 14.41 4.56 23.33
N GLY A 213 15.43 3.87 23.79
CA GLY A 213 15.38 3.26 25.09
C GLY A 213 14.95 1.82 25.09
N ASN A 214 14.26 1.39 24.03
CA ASN A 214 13.89 -0.01 23.89
C ASN A 214 14.94 -0.78 23.11
N ALA A 215 15.08 -2.04 23.45
CA ALA A 215 15.98 -2.90 22.77
C ALA A 215 15.31 -3.49 21.51
N GLU A 216 13.98 -3.64 21.57
CA GLU A 216 13.20 -4.38 20.54
C GLU A 216 12.31 -3.41 19.80
N GLU A 217 12.11 -3.69 18.52
CA GLU A 217 11.16 -2.91 17.74
C GLU A 217 9.75 -3.06 18.27
N SER A 218 8.97 -1.98 18.16
CA SER A 218 7.55 -1.94 18.39
C SER A 218 6.86 -2.18 17.03
N THR A 219 5.73 -2.87 17.06
CA THR A 219 4.87 -3.03 15.86
C THR A 219 3.79 -2.01 15.85
N LEU A 220 3.84 -1.10 14.87
CA LEU A 220 2.97 0.02 14.85
C LEU A 220 1.93 -0.13 13.73
N PHE A 221 0.77 0.40 14.02
CA PHE A 221 -0.36 0.46 13.11
C PHE A 221 -0.65 1.95 12.91
N CYS A 222 -0.57 2.42 11.65
CA CYS A 222 -0.87 3.78 11.28
C CYS A 222 -2.07 3.80 10.35
N PHE A 223 -3.07 4.58 10.69
CA PHE A 223 -4.15 4.77 9.71
C PHE A 223 -4.56 6.20 9.64
N ALA A 224 -5.07 6.56 8.49
CA ALA A 224 -5.55 7.90 8.22
C ALA A 224 -7.03 7.76 7.76
N VAL A 225 -7.82 8.74 8.18
CA VAL A 225 -9.27 8.79 7.89
C VAL A 225 -9.70 10.26 7.67
N ARG A 226 -10.69 10.48 6.78
CA ARG A 226 -11.41 11.71 6.72
C ARG A 226 -12.85 11.36 7.02
N GLY A 227 -13.22 11.53 8.26
CA GLY A 227 -14.61 11.25 8.69
C GLY A 227 -15.31 12.54 9.10
N GLN A 228 -16.28 12.37 9.98
CA GLN A 228 -17.14 13.49 10.33
C GLN A 228 -16.36 14.58 11.10
N ALA A 229 -15.33 14.18 11.86
CA ALA A 229 -14.42 15.14 12.57
C ALA A 229 -13.29 15.74 11.69
N GLY A 230 -13.26 15.39 10.42
CA GLY A 230 -12.26 15.91 9.51
C GLY A 230 -11.16 14.84 9.38
N GLY A 231 -10.05 15.27 8.85
CA GLY A 231 -8.86 14.41 8.59
C GLY A 231 -8.12 14.15 9.91
N LYS A 232 -7.83 12.89 10.18
CA LYS A 232 -7.03 12.46 11.32
C LYS A 232 -6.13 11.31 10.96
N LEU A 233 -4.97 11.28 11.58
CA LEU A 233 -4.00 10.21 11.41
C LEU A 233 -3.64 9.71 12.81
N HIS A 234 -3.61 8.41 12.95
CA HIS A 234 -3.33 7.71 14.22
C HIS A 234 -2.15 6.81 14.06
N ILE A 235 -1.27 6.77 15.08
CA ILE A 235 -0.11 5.85 15.12
C ILE A 235 -0.18 5.14 16.45
N ILE A 236 -0.42 3.86 16.39
CA ILE A 236 -0.79 3.04 17.61
C ILE A 236 0.04 1.78 17.61
N GLU A 237 0.56 1.39 18.77
CA GLU A 237 1.23 0.11 18.85
C GLU A 237 0.16 -0.96 19.00
N VAL A 238 0.26 -2.05 18.27
CA VAL A 238 -0.70 -3.16 18.41
C VAL A 238 -0.13 -4.23 19.30
N GLY A 239 -1.04 -4.70 20.16
CA GLY A 239 -0.88 -5.78 21.09
C GLY A 239 0.10 -5.35 22.16
N THR A 240 0.70 -6.34 22.78
CA THR A 240 1.51 -6.03 23.95
C THR A 240 2.97 -5.81 23.55
N PRO A 241 3.67 -4.83 24.20
CA PRO A 241 5.03 -4.61 23.83
C PRO A 241 5.86 -5.86 24.03
N PRO A 242 6.86 -6.13 23.20
CA PRO A 242 7.91 -7.11 23.41
C PRO A 242 8.48 -7.01 24.86
N THR A 243 8.88 -8.16 25.40
CA THR A 243 9.43 -8.21 26.74
C THR A 243 10.63 -7.29 26.88
N GLY A 244 10.52 -6.37 27.83
CA GLY A 244 11.53 -5.40 28.12
C GLY A 244 11.23 -4.01 27.56
N ASN A 245 10.25 -3.96 26.63
CA ASN A 245 9.95 -2.67 25.99
C ASN A 245 9.04 -1.85 26.83
N GLN A 246 9.27 -0.56 26.74
CA GLN A 246 8.26 0.41 27.07
C GLN A 246 7.22 0.45 25.94
N PRO A 247 6.00 0.78 26.28
CA PRO A 247 5.00 0.93 25.23
C PRO A 247 5.16 2.22 24.44
N PHE A 248 4.73 2.14 23.19
CA PHE A 248 4.67 3.34 22.32
C PHE A 248 3.41 4.19 22.64
N PRO A 249 3.61 5.42 23.06
CA PRO A 249 2.46 6.24 23.35
C PRO A 249 1.69 6.56 22.03
N LYS A 250 0.41 6.32 22.06
CA LYS A 250 -0.43 6.54 20.85
C LYS A 250 -0.31 7.99 20.39
N LYS A 251 -0.20 8.20 19.07
CA LYS A 251 -0.14 9.54 18.53
C LYS A 251 -1.35 9.77 17.67
N ALA A 252 -1.85 11.02 17.67
CA ALA A 252 -3.05 11.40 16.87
C ALA A 252 -2.86 12.81 16.40
N VAL A 253 -2.91 13.05 15.09
CA VAL A 253 -2.64 14.38 14.53
C VAL A 253 -3.69 14.62 13.47
N ASP A 254 -3.90 15.89 13.10
CA ASP A 254 -4.82 16.17 12.01
C ASP A 254 -4.19 15.88 10.69
N VAL A 255 -5.07 15.62 9.73
CA VAL A 255 -4.70 15.49 8.34
C VAL A 255 -5.45 16.63 7.61
N PHE A 256 -4.68 17.56 7.08
CA PHE A 256 -5.20 18.77 6.50
C PHE A 256 -5.65 18.62 5.10
N PHE A 257 -6.79 19.26 4.84
CA PHE A 257 -7.31 19.38 3.45
C PHE A 257 -7.70 20.84 3.24
N PRO A 258 -7.22 21.41 2.15
CA PRO A 258 -7.52 22.83 1.86
C PRO A 258 -8.95 23.05 1.54
N PRO A 259 -9.41 24.31 1.53
CA PRO A 259 -10.84 24.55 1.38
C PRO A 259 -11.44 24.13 0.08
N GLU A 260 -10.64 24.12 -0.98
CA GLU A 260 -11.05 23.75 -2.30
C GLU A 260 -11.01 22.24 -2.53
N ALA A 261 -10.77 21.48 -1.46
CA ALA A 261 -10.62 20.01 -1.60
C ALA A 261 -11.55 19.30 -0.65
N GLN A 262 -12.80 19.73 -0.58
CA GLN A 262 -13.74 19.17 0.39
C GLN A 262 -14.05 17.72 0.12
N ASN A 263 -13.85 17.27 -1.12
CA ASN A 263 -14.16 15.92 -1.50
C ASN A 263 -12.93 15.02 -1.59
N ASP A 264 -11.76 15.53 -1.16
CA ASP A 264 -10.56 14.75 -1.12
C ASP A 264 -10.57 13.87 0.13
N PHE A 265 -9.84 12.77 0.07
CA PHE A 265 -9.70 11.87 1.22
C PHE A 265 -8.48 10.98 0.98
N PRO A 266 -7.95 10.36 2.07
CA PRO A 266 -6.77 9.51 1.91
C PRO A 266 -7.04 8.25 1.05
N VAL A 267 -6.13 7.85 0.21
CA VAL A 267 -6.29 6.60 -0.57
C VAL A 267 -5.13 5.61 -0.44
N ALA A 268 -3.96 6.03 0.03
CA ALA A 268 -2.82 5.10 0.10
C ALA A 268 -1.84 5.55 1.14
N MET A 269 -1.13 4.58 1.72
CA MET A 269 -0.06 4.86 2.69
C MET A 269 1.05 3.82 2.52
N GLN A 270 2.30 4.32 2.59
CA GLN A 270 3.44 3.48 2.75
C GLN A 270 4.32 4.17 3.80
N ILE A 271 5.10 3.37 4.49
CA ILE A 271 5.98 3.84 5.56
C ILE A 271 7.45 3.50 5.18
N SER A 272 8.32 4.47 5.29
CA SER A 272 9.71 4.28 5.02
C SER A 272 10.34 3.49 6.18
N GLU A 273 10.91 2.35 5.88
CA GLU A 273 11.55 1.46 6.87
C GLU A 273 12.83 2.18 7.38
N LYS A 274 13.54 2.85 6.49
CA LYS A 274 14.79 3.51 6.84
C LYS A 274 14.63 4.83 7.55
N HIS A 275 13.66 5.67 7.12
CA HIS A 275 13.50 6.97 7.58
C HIS A 275 12.46 7.19 8.64
N ASP A 276 11.66 6.16 8.97
CA ASP A 276 10.53 6.31 9.90
C ASP A 276 9.67 7.54 9.59
N VAL A 277 9.13 7.54 8.36
CA VAL A 277 8.27 8.57 7.82
C VAL A 277 7.11 7.87 7.13
N VAL A 278 5.95 8.42 7.33
CA VAL A 278 4.72 7.95 6.74
C VAL A 278 4.45 8.78 5.50
N PHE A 279 4.30 8.13 4.34
CA PHE A 279 3.84 8.76 3.12
C PHE A 279 2.35 8.52 2.97
N LEU A 280 1.57 9.57 2.89
CA LEU A 280 0.12 9.47 2.73
C LEU A 280 -0.22 10.10 1.41
N ILE A 281 -0.93 9.39 0.53
CA ILE A 281 -1.43 9.97 -0.70
C ILE A 281 -2.96 10.11 -0.69
N THR A 282 -3.47 11.24 -1.23
CA THR A 282 -4.90 11.49 -1.26
C THR A 282 -5.45 11.24 -2.63
N LYS A 283 -6.75 11.14 -2.69
CA LYS A 283 -7.50 10.92 -3.96
C LYS A 283 -7.16 11.95 -5.01
N TYR A 284 -6.93 13.20 -4.56
CA TYR A 284 -6.66 14.31 -5.52
C TYR A 284 -5.22 14.35 -5.99
N GLY A 285 -4.34 13.51 -5.43
CA GLY A 285 -2.97 13.49 -5.88
C GLY A 285 -2.03 14.28 -4.99
N TYR A 286 -2.43 14.56 -3.75
CA TYR A 286 -1.54 15.19 -2.76
C TYR A 286 -0.77 14.10 -2.03
N ILE A 287 0.45 14.45 -1.69
CA ILE A 287 1.24 13.63 -0.79
C ILE A 287 1.50 14.41 0.51
N HIS A 288 1.38 13.71 1.64
CA HIS A 288 1.81 14.19 2.90
C HIS A 288 2.85 13.30 3.48
N LEU A 289 3.76 13.93 4.22
N LEU A 289 3.84 13.89 4.16
CA LEU A 289 4.73 13.26 5.06
CA LEU A 289 4.84 13.14 4.94
C LEU A 289 4.43 13.49 6.48
C LEU A 289 4.68 13.46 6.41
N TYR A 290 4.56 12.42 7.26
CA TYR A 290 4.46 12.55 8.72
C TYR A 290 5.62 11.81 9.36
N ASP A 291 6.12 12.37 10.46
CA ASP A 291 7.06 11.55 11.23
C ASP A 291 6.38 10.37 11.94
N LEU A 292 6.94 9.17 11.81
CA LEU A 292 6.30 8.00 12.46
C LEU A 292 6.31 8.07 13.99
N GLU A 293 7.35 8.63 14.54
CA GLU A 293 7.49 8.62 16.03
C GLU A 293 6.46 9.53 16.68
N THR A 294 6.28 10.74 16.14
CA THR A 294 5.48 11.81 16.80
C THR A 294 4.14 12.07 16.10
N GLY A 295 4.05 11.65 14.86
CA GLY A 295 2.94 12.08 13.99
C GLY A 295 3.12 13.44 13.37
N THR A 296 4.21 14.14 13.67
CA THR A 296 4.40 15.51 13.18
C THR A 296 4.27 15.58 11.66
N CYS A 297 3.47 16.50 11.15
CA CYS A 297 3.41 16.67 9.69
C CYS A 297 4.62 17.44 9.18
N ILE A 298 5.39 16.85 8.29
CA ILE A 298 6.61 17.36 7.77
C ILE A 298 6.36 18.19 6.51
N TYR A 299 5.47 17.71 5.60
CA TYR A 299 5.37 18.30 4.27
C TYR A 299 4.09 17.88 3.60
N MET A 300 3.51 18.78 2.81
CA MET A 300 2.36 18.44 2.03
C MET A 300 2.51 19.12 0.67
N ASN A 301 2.08 18.44 -0.37
CA ASN A 301 2.07 19.10 -1.69
C ASN A 301 1.26 18.26 -2.63
N ARG A 302 0.74 18.91 -3.68
CA ARG A 302 0.04 18.19 -4.73
C ARG A 302 1.05 17.75 -5.75
N ILE A 303 1.31 16.44 -5.85
CA ILE A 303 2.38 15.94 -6.69
C ILE A 303 1.94 15.30 -8.01
N SER A 304 0.65 15.14 -8.15
CA SER A 304 0.08 14.51 -9.33
C SER A 304 -1.20 15.22 -9.75
N GLY A 305 -1.32 15.50 -11.05
CA GLY A 305 -2.55 16.10 -11.61
C GLY A 305 -3.69 15.11 -11.73
N GLU A 306 -3.39 13.83 -11.54
CA GLU A 306 -4.35 12.72 -11.76
C GLU A 306 -4.35 11.88 -10.50
N THR A 307 -5.48 11.24 -10.28
CA THR A 307 -5.53 10.25 -9.21
C THR A 307 -4.51 9.20 -9.30
N ILE A 308 -3.86 8.91 -8.18
CA ILE A 308 -2.90 7.81 -8.04
C ILE A 308 -3.61 6.64 -7.42
N PHE A 309 -3.78 5.56 -8.18
CA PHE A 309 -4.73 4.49 -7.80
C PHE A 309 -4.07 3.23 -7.22
N VAL A 310 -2.72 3.15 -7.33
CA VAL A 310 -1.98 2.05 -6.79
C VAL A 310 -0.63 2.56 -6.34
N THR A 311 -0.17 2.04 -5.21
CA THR A 311 1.14 2.37 -4.69
C THR A 311 1.81 1.14 -4.10
N ALA A 312 3.12 1.26 -3.92
CA ALA A 312 3.93 0.25 -3.31
C ALA A 312 5.11 0.92 -2.64
N PRO A 313 5.83 0.15 -1.80
CA PRO A 313 7.07 0.69 -1.30
C PRO A 313 8.08 0.79 -2.42
N HIS A 314 8.89 1.86 -2.40
CA HIS A 314 9.95 1.99 -3.37
C HIS A 314 11.23 1.66 -2.63
N GLU A 315 11.74 0.45 -2.93
CA GLU A 315 12.72 -0.13 -2.03
C GLU A 315 14.09 0.68 -2.06
N ALA A 316 14.54 1.01 -3.25
CA ALA A 316 15.88 1.63 -3.49
C ALA A 316 16.03 2.93 -2.72
N THR A 317 14.92 3.62 -2.46
CA THR A 317 14.92 4.96 -1.80
C THR A 317 14.17 4.93 -0.53
N ALA A 318 13.65 3.75 -0.14
CA ALA A 318 12.79 3.66 1.03
C ALA A 318 11.70 4.72 0.96
N GLY A 319 11.07 4.81 -0.21
CA GLY A 319 10.00 5.74 -0.48
C GLY A 319 8.73 5.03 -0.91
N ILE A 320 7.98 5.78 -1.72
CA ILE A 320 6.67 5.35 -2.25
C ILE A 320 6.66 5.53 -3.74
N ILE A 321 6.18 4.49 -4.47
CA ILE A 321 6.02 4.50 -5.93
C ILE A 321 4.52 4.27 -6.22
N GLY A 322 4.03 5.02 -7.20
CA GLY A 322 2.65 4.90 -7.60
C GLY A 322 2.44 5.14 -9.08
N VAL A 323 1.25 4.78 -9.49
CA VAL A 323 0.80 4.93 -10.89
C VAL A 323 -0.44 5.78 -10.87
N ASN A 324 -0.45 6.82 -11.73
CA ASN A 324 -1.60 7.69 -11.83
C ASN A 324 -2.50 7.28 -13.10
N ARG A 325 -3.68 7.86 -13.14
CA ARG A 325 -4.68 7.49 -14.13
C ARG A 325 -4.26 7.74 -15.55
N LYS A 326 -3.35 8.64 -15.75
CA LYS A 326 -2.78 8.80 -17.09
C LYS A 326 -1.61 7.95 -17.44
N GLY A 327 -1.10 7.15 -16.49
CA GLY A 327 0.03 6.33 -16.71
C GLY A 327 1.40 6.85 -16.25
N GLN A 328 1.41 7.96 -15.55
CA GLN A 328 2.66 8.40 -15.02
C GLN A 328 3.04 7.45 -13.87
N VAL A 329 4.23 6.94 -13.88
CA VAL A 329 4.73 6.14 -12.78
C VAL A 329 5.72 7.04 -12.07
N LEU A 330 5.41 7.37 -10.83
CA LEU A 330 6.12 8.37 -10.07
C LEU A 330 6.50 7.84 -8.66
N SER A 331 7.48 8.44 -8.05
CA SER A 331 7.89 8.09 -6.70
C SER A 331 8.21 9.37 -5.95
N VAL A 332 8.14 9.25 -4.62
CA VAL A 332 8.59 10.21 -3.69
C VAL A 332 9.36 9.55 -2.56
N CYS A 333 10.47 10.14 -2.15
CA CYS A 333 11.23 9.63 -1.03
C CYS A 333 11.80 10.85 -0.28
N VAL A 334 12.33 10.55 0.88
CA VAL A 334 13.13 11.54 1.63
C VAL A 334 14.36 11.93 0.85
N GLU A 335 14.61 13.25 0.72
CA GLU A 335 15.88 13.76 0.18
C GLU A 335 16.76 13.83 1.41
N GLU A 336 17.75 12.96 1.47
CA GLU A 336 18.49 12.73 2.74
C GLU A 336 19.35 13.87 3.20
N GLU A 337 19.77 14.61 2.26
CA GLU A 337 20.65 15.71 2.55
C GLU A 337 19.86 17.00 2.80
N ASN A 338 18.61 17.11 2.39
N ASN A 338 18.67 17.19 2.13
CA ASN A 338 17.89 18.35 2.58
CA ASN A 338 17.72 18.39 2.27
C ASN A 338 16.80 18.26 3.58
C ASN A 338 16.87 18.27 3.54
N ILE A 339 16.57 17.06 4.02
CA ILE A 339 15.48 16.90 5.02
C ILE A 339 15.73 17.68 6.34
N ILE A 340 16.92 17.57 6.86
CA ILE A 340 17.15 18.23 8.13
C ILE A 340 17.24 19.73 7.96
N PRO A 341 17.92 20.21 6.95
CA PRO A 341 17.85 21.65 6.66
C PRO A 341 16.42 22.20 6.58
N TYR A 342 15.53 21.46 5.91
CA TYR A 342 14.17 21.84 5.76
C TYR A 342 13.45 21.85 7.09
N ILE A 343 13.67 20.80 7.88
CA ILE A 343 13.02 20.69 9.17
C ILE A 343 13.46 21.88 10.09
N THR A 344 14.76 22.19 10.03
CA THR A 344 15.41 23.20 10.86
C THR A 344 14.88 24.59 10.54
N ASN A 345 14.81 24.94 9.24
CA ASN A 345 14.64 26.34 8.81
C ASN A 345 13.26 26.65 8.25
N VAL A 346 12.57 25.62 7.75
CA VAL A 346 11.20 25.80 7.23
C VAL A 346 10.15 25.31 8.18
N LEU A 347 10.21 24.05 8.60
CA LEU A 347 9.30 23.59 9.65
C LEU A 347 9.63 24.21 11.03
N GLN A 348 10.89 24.47 11.26
CA GLN A 348 11.42 25.00 12.53
C GLN A 348 11.02 24.14 13.69
N ASN A 349 11.38 22.88 13.55
CA ASN A 349 11.17 21.88 14.54
C ASN A 349 12.51 21.22 14.89
N PRO A 350 13.28 21.87 15.77
CA PRO A 350 14.57 21.32 16.08
C PRO A 350 14.54 19.99 16.81
N ASP A 351 13.51 19.71 17.58
CA ASP A 351 13.39 18.41 18.25
C ASP A 351 13.41 17.32 17.20
N LEU A 352 12.67 17.51 16.10
CA LEU A 352 12.60 16.54 15.01
C LEU A 352 13.88 16.48 14.26
N ALA A 353 14.49 17.65 13.99
CA ALA A 353 15.82 17.67 13.37
C ALA A 353 16.85 16.83 14.23
N LEU A 354 16.83 17.01 15.55
CA LEU A 354 17.74 16.29 16.54
C LEU A 354 17.47 14.82 16.52
N ARG A 355 16.19 14.50 16.49
CA ARG A 355 15.79 13.09 16.64
C ARG A 355 16.07 12.37 15.39
N MET A 356 15.90 13.01 14.23
CA MET A 356 16.29 12.38 13.02
C MET A 356 17.78 12.19 12.94
N ALA A 357 18.56 13.18 13.37
CA ALA A 357 20.06 13.01 13.29
C ALA A 357 20.50 11.91 14.26
N VAL A 358 19.91 11.86 15.44
CA VAL A 358 20.27 10.81 16.46
C VAL A 358 19.92 9.42 15.90
N ARG A 359 18.79 9.28 15.20
CA ARG A 359 18.52 8.00 14.54
C ARG A 359 19.59 7.69 13.51
N ASN A 360 20.10 8.71 12.84
CA ASN A 360 21.28 8.56 12.06
C ASN A 360 21.05 7.59 10.90
N ASN A 361 19.82 7.62 10.35
CA ASN A 361 19.47 6.75 9.21
C ASN A 361 19.43 7.55 7.92
N LEU A 362 20.23 8.63 7.88
CA LEU A 362 20.35 9.49 6.70
C LEU A 362 21.81 9.36 6.21
#